data_2ZAS
#
_entry.id   2ZAS
#
_cell.length_a   64.018
_cell.length_b   64.018
_cell.length_c   136.197
_cell.angle_alpha   90.00
_cell.angle_beta   90.00
_cell.angle_gamma   90.00
#
_symmetry.space_group_name_H-M   'P 41 21 2'
#
loop_
_entity.id
_entity.type
_entity.pdbx_description
1 polymer 'Estrogen-related receptor gamma'
2 non-polymer 4-(1-methyl-1-phenylethyl)phenol
3 non-polymer GLYCEROL
4 water water
#
_entity_poly.entity_id   1
_entity_poly.type   'polypeptide(L)'
_entity_poly.pdbx_seq_one_letter_code
;LGSPEFLNPQLVQPAKKPYNKIVSHLLVAEPEKIYAMPDPTVPDSDIKALTTLCDLADRELVVIIGWAKHIPGFSTLSLA
DQMSLLQSAWMEILILGVVYRSLSFEDELVYADDYIMDEDQSKLAGLLDLNNAILQLVKKYKSMKLEKEEFVTLKAIALA
NSDSMHIEDVEAVQKLQDVLHEALQDYEAGQHMEDPRRAGKMLMTLPLLRQTSTKAVQHFYNIKLEGKVPMHKLFLEMLE
AKVC
;
_entity_poly.pdbx_strand_id   A
#
# COMPACT_ATOMS: atom_id res chain seq x y z
N LYS A 17 -10.99 11.71 -23.85
CA LYS A 17 -10.98 10.22 -23.95
C LYS A 17 -9.65 9.54 -24.36
N PRO A 18 -8.53 10.30 -24.43
CA PRO A 18 -7.20 9.64 -24.47
C PRO A 18 -6.93 8.83 -23.17
N TYR A 19 -7.25 9.45 -22.03
CA TYR A 19 -7.68 8.77 -20.77
C TYR A 19 -7.67 9.69 -19.54
N ASN A 20 -8.24 9.18 -18.45
CA ASN A 20 -8.57 9.95 -17.24
C ASN A 20 -7.44 10.82 -16.67
N LYS A 21 -7.74 12.08 -16.35
CA LYS A 21 -6.73 13.02 -15.85
CA LYS A 21 -6.74 13.03 -15.86
C LYS A 21 -6.22 12.67 -14.47
N ILE A 22 -7.13 12.27 -13.58
CA ILE A 22 -6.74 11.86 -12.23
C ILE A 22 -5.72 10.71 -12.32
N VAL A 23 -5.99 9.73 -13.16
CA VAL A 23 -5.05 8.61 -13.34
C VAL A 23 -3.68 9.11 -13.84
N SER A 24 -3.68 9.98 -14.85
CA SER A 24 -2.45 10.56 -15.39
C SER A 24 -1.67 11.30 -14.33
N HIS A 25 -2.40 12.10 -13.55
CA HIS A 25 -1.85 12.85 -12.43
C HIS A 25 -1.21 11.95 -11.38
N LEU A 26 -1.94 10.89 -10.97
CA LEU A 26 -1.37 9.94 -10.02
C LEU A 26 -0.11 9.29 -10.54
N LEU A 27 -0.08 8.98 -11.84
CA LEU A 27 1.10 8.42 -12.48
C LEU A 27 2.32 9.32 -12.36
N VAL A 28 2.17 10.62 -12.65
CA VAL A 28 3.34 11.54 -12.55
C VAL A 28 3.72 11.85 -11.11
N ALA A 29 2.78 11.62 -10.19
CA ALA A 29 2.99 11.84 -8.77
C ALA A 29 3.69 10.64 -8.10
N GLU A 30 3.89 9.58 -8.87
CA GLU A 30 4.45 8.35 -8.35
C GLU A 30 5.88 8.60 -7.87
N PRO A 31 6.16 8.29 -6.60
CA PRO A 31 7.49 8.50 -6.01
C PRO A 31 8.56 7.62 -6.64
N GLU A 32 9.80 8.09 -6.60
CA GLU A 32 10.94 7.32 -7.09
C GLU A 32 11.19 6.11 -6.19
N LYS A 33 11.83 5.08 -6.74
CA LYS A 33 12.21 3.88 -5.99
C LYS A 33 13.14 4.18 -4.81
N ILE A 34 12.96 3.44 -3.72
CA ILE A 34 13.77 3.56 -2.50
C ILE A 34 14.56 2.25 -2.33
N TYR A 35 15.82 2.38 -1.89
CA TYR A 35 16.66 1.21 -1.58
C TYR A 35 16.54 0.78 -0.12
N ALA A 36 16.58 -0.53 0.13
CA ALA A 36 16.55 -1.04 1.50
C ALA A 36 17.88 -0.83 2.21
N MET A 37 18.98 -1.02 1.48
CA MET A 37 20.35 -0.90 2.02
C MET A 37 20.56 -1.72 3.30
N PRO A 38 20.36 -3.05 3.24
CA PRO A 38 20.70 -3.86 4.40
C PRO A 38 22.18 -3.64 4.73
N ASP A 39 22.49 -3.56 6.03
CA ASP A 39 23.84 -3.27 6.49
C ASP A 39 24.78 -4.43 6.16
N PRO A 40 25.73 -4.22 5.24
CA PRO A 40 26.58 -5.33 4.80
C PRO A 40 27.54 -5.83 5.89
N THR A 41 27.62 -5.11 7.01
CA THR A 41 28.54 -5.46 8.09
C THR A 41 27.85 -6.33 9.15
N VAL A 42 26.52 -6.41 9.07
CA VAL A 42 25.73 -7.13 10.07
C VAL A 42 25.48 -8.57 9.58
N PRO A 43 25.68 -9.56 10.48
CA PRO A 43 25.38 -10.95 10.12
C PRO A 43 23.89 -11.13 9.84
N ASP A 44 23.55 -11.94 8.84
CA ASP A 44 22.16 -12.22 8.52
C ASP A 44 21.49 -12.89 9.72
N SER A 45 20.31 -12.37 10.08
CA SER A 45 19.46 -12.93 11.12
C SER A 45 18.03 -12.48 10.89
N ASP A 46 17.13 -12.97 11.74
CA ASP A 46 15.76 -12.49 11.78
C ASP A 46 15.72 -11.01 12.19
N ILE A 47 16.58 -10.64 13.15
CA ILE A 47 16.66 -9.26 13.63
C ILE A 47 17.15 -8.29 12.53
N LYS A 48 18.16 -8.71 11.77
CA LYS A 48 18.64 -7.93 10.62
C LYS A 48 17.54 -7.71 9.57
N ALA A 49 16.88 -8.80 9.19
CA ALA A 49 15.84 -8.74 8.17
C ALA A 49 14.71 -7.78 8.57
N LEU A 50 14.22 -7.95 9.79
CA LEU A 50 13.14 -7.14 10.32
C LEU A 50 13.56 -5.68 10.58
N THR A 51 14.81 -5.46 11.01
CA THR A 51 15.33 -4.11 11.18
C THR A 51 15.36 -3.39 9.82
N THR A 52 15.85 -4.07 8.80
CA THR A 52 15.91 -3.57 7.42
C THR A 52 14.51 -3.21 6.88
N LEU A 53 13.56 -4.13 7.06
CA LEU A 53 12.20 -3.93 6.57
C LEU A 53 11.52 -2.72 7.23
N CYS A 54 11.63 -2.63 8.55
CA CYS A 54 11.03 -1.53 9.31
C CYS A 54 11.68 -0.18 8.99
N ASP A 55 13.00 -0.18 8.79
CA ASP A 55 13.73 1.01 8.37
C ASP A 55 13.30 1.48 6.98
N LEU A 56 13.18 0.53 6.07
CA LEU A 56 12.69 0.81 4.72
C LEU A 56 11.27 1.41 4.77
N ALA A 57 10.41 0.79 5.58
CA ALA A 57 9.03 1.23 5.75
C ALA A 57 8.96 2.65 6.29
N ASP A 58 9.82 2.97 7.26
CA ASP A 58 9.87 4.31 7.86
C ASP A 58 10.15 5.37 6.78
N ARG A 59 11.07 5.07 5.88
CA ARG A 59 11.44 5.99 4.80
C ARG A 59 10.36 6.08 3.72
N GLU A 60 9.73 4.95 3.42
CA GLU A 60 8.55 4.93 2.56
C GLU A 60 7.38 5.77 3.10
N LEU A 61 7.12 5.67 4.39
CA LEU A 61 6.09 6.47 5.04
C LEU A 61 6.24 8.00 4.81
N VAL A 62 7.48 8.48 4.89
CA VAL A 62 7.79 9.88 4.59
C VAL A 62 7.35 10.22 3.17
N VAL A 63 7.67 9.33 2.24
CA VAL A 63 7.37 9.56 0.85
C VAL A 63 5.85 9.47 0.58
N ILE A 64 5.17 8.57 1.30
CA ILE A 64 3.71 8.41 1.18
C ILE A 64 2.96 9.65 1.63
N ILE A 65 3.38 10.23 2.75
CA ILE A 65 2.79 11.47 3.26
C ILE A 65 2.91 12.57 2.22
N GLY A 66 4.09 12.69 1.62
CA GLY A 66 4.32 13.63 0.53
C GLY A 66 3.47 13.37 -0.70
N TRP A 67 3.36 12.09 -1.07
CA TRP A 67 2.58 11.68 -2.23
C TRP A 67 1.11 12.04 -2.10
N ALA A 68 0.54 11.88 -0.91
CA ALA A 68 -0.90 12.04 -0.68
C ALA A 68 -1.41 13.44 -1.01
N LYS A 69 -0.54 14.45 -0.86
CA LYS A 69 -0.88 15.85 -1.11
C LYS A 69 -1.23 16.12 -2.58
N HIS A 70 -0.74 15.25 -3.47
CA HIS A 70 -1.05 15.30 -4.89
C HIS A 70 -2.43 14.75 -5.27
N ILE A 71 -3.06 14.03 -4.35
CA ILE A 71 -4.42 13.50 -4.57
C ILE A 71 -5.47 14.62 -4.46
N PRO A 72 -6.27 14.83 -5.53
CA PRO A 72 -7.27 15.92 -5.54
C PRO A 72 -8.18 15.92 -4.31
N GLY A 73 -8.16 17.02 -3.57
CA GLY A 73 -9.00 17.20 -2.40
C GLY A 73 -8.39 16.76 -1.09
N PHE A 74 -7.31 15.98 -1.14
CA PHE A 74 -6.70 15.48 0.10
C PHE A 74 -6.14 16.59 1.01
N SER A 75 -5.43 17.55 0.43
CA SER A 75 -4.79 18.61 1.21
C SER A 75 -5.80 19.65 1.74
N THR A 76 -7.02 19.60 1.18
CA THR A 76 -8.14 20.43 1.62
C THR A 76 -8.82 19.88 2.87
N LEU A 77 -8.62 18.59 3.15
CA LEU A 77 -9.09 18.00 4.40
C LEU A 77 -8.34 18.64 5.55
N SER A 78 -8.90 18.57 6.75
CA SER A 78 -8.20 19.07 7.92
C SER A 78 -6.98 18.18 8.19
N LEU A 79 -5.97 18.75 8.83
CA LEU A 79 -4.75 18.00 9.13
C LEU A 79 -5.07 16.73 9.91
N ALA A 80 -6.04 16.84 10.80
CA ALA A 80 -6.50 15.71 11.60
C ALA A 80 -7.05 14.58 10.70
N ASP A 81 -7.93 14.93 9.76
CA ASP A 81 -8.51 13.95 8.84
C ASP A 81 -7.47 13.34 7.89
N GLN A 82 -6.55 14.19 7.41
CA GLN A 82 -5.40 13.72 6.62
C GLN A 82 -4.62 12.65 7.38
N MET A 83 -4.30 12.94 8.65
CA MET A 83 -3.54 12.01 9.46
CA MET A 83 -3.56 12.04 9.53
C MET A 83 -4.34 10.75 9.81
N SER A 84 -5.64 10.90 10.01
CA SER A 84 -6.50 9.73 10.28
C SER A 84 -6.50 8.77 9.10
N LEU A 85 -6.61 9.31 7.89
CA LEU A 85 -6.60 8.48 6.69
C LEU A 85 -5.27 7.76 6.56
N LEU A 86 -4.18 8.51 6.71
CA LEU A 86 -2.84 7.93 6.64
C LEU A 86 -2.59 6.88 7.71
N GLN A 87 -3.04 7.11 8.95
CA GLN A 87 -2.83 6.17 10.05
C GLN A 87 -3.61 4.87 9.89
N SER A 88 -4.73 4.94 9.17
CA SER A 88 -5.51 3.74 8.85
C SER A 88 -5.01 2.99 7.60
N ALA A 89 -4.58 3.73 6.58
CA ALA A 89 -4.24 3.13 5.30
C ALA A 89 -2.76 2.78 5.08
N TRP A 90 -1.87 3.28 5.93
CA TRP A 90 -0.42 3.28 5.63
C TRP A 90 0.12 1.92 5.18
N MET A 91 -0.26 0.87 5.91
CA MET A 91 0.23 -0.47 5.64
C MET A 91 -0.33 -1.03 4.34
N GLU A 92 -1.59 -0.70 4.01
CA GLU A 92 -2.16 -1.12 2.73
C GLU A 92 -1.39 -0.48 1.59
N ILE A 93 -1.02 0.79 1.73
CA ILE A 93 -0.23 1.47 0.71
C ILE A 93 1.15 0.81 0.56
N LEU A 94 1.79 0.53 1.69
CA LEU A 94 3.11 -0.12 1.71
C LEU A 94 3.05 -1.50 1.06
N ILE A 95 2.04 -2.28 1.42
CA ILE A 95 1.87 -3.63 0.86
C ILE A 95 1.59 -3.60 -0.65
N LEU A 96 0.72 -2.70 -1.09
CA LEU A 96 0.38 -2.62 -2.51
C LEU A 96 1.60 -2.29 -3.37
N GLY A 97 2.49 -1.46 -2.82
CA GLY A 97 3.78 -1.18 -3.45
C GLY A 97 4.62 -2.43 -3.64
N VAL A 98 4.84 -3.21 -2.58
CA VAL A 98 5.63 -4.44 -2.70
CA VAL A 98 5.62 -4.45 -2.68
C VAL A 98 4.95 -5.41 -3.69
N VAL A 99 3.63 -5.50 -3.62
CA VAL A 99 2.85 -6.36 -4.50
C VAL A 99 3.13 -5.99 -5.97
N TYR A 100 2.98 -4.71 -6.29
CA TYR A 100 3.21 -4.23 -7.65
C TYR A 100 4.63 -4.47 -8.14
N ARG A 101 5.61 -4.19 -7.29
CA ARG A 101 7.02 -4.41 -7.66
C ARG A 101 7.33 -5.87 -7.98
N SER A 102 6.53 -6.77 -7.40
CA SER A 102 6.75 -8.21 -7.49
C SER A 102 6.02 -8.93 -8.63
N LEU A 103 5.26 -8.17 -9.42
CA LEU A 103 4.38 -8.74 -10.43
C LEU A 103 5.11 -9.58 -11.49
N SER A 104 6.32 -9.18 -11.87
CA SER A 104 7.02 -9.91 -12.91
C SER A 104 8.00 -10.94 -12.32
N PHE A 105 7.83 -11.24 -11.03
CA PHE A 105 8.65 -12.24 -10.34
C PHE A 105 7.78 -13.45 -9.98
N GLU A 106 8.42 -14.55 -9.58
CA GLU A 106 7.71 -15.77 -9.20
C GLU A 106 8.12 -16.21 -7.79
N ASP A 107 7.14 -16.21 -6.89
CA ASP A 107 7.32 -16.66 -5.51
C ASP A 107 8.35 -15.83 -4.72
N GLU A 108 8.61 -14.61 -5.21
CA GLU A 108 9.52 -13.66 -4.58
C GLU A 108 8.84 -12.31 -4.38
N LEU A 109 9.18 -11.64 -3.27
CA LEU A 109 8.68 -10.30 -2.99
C LEU A 109 9.78 -9.25 -3.09
N VAL A 110 9.55 -8.26 -3.94
CA VAL A 110 10.51 -7.19 -4.21
C VAL A 110 10.23 -6.02 -3.27
N TYR A 111 10.71 -6.13 -2.04
CA TYR A 111 10.58 -5.04 -1.09
C TYR A 111 11.35 -3.83 -1.61
N ALA A 112 12.48 -4.08 -2.24
CA ALA A 112 13.28 -3.08 -2.94
C ALA A 112 14.14 -3.81 -3.95
N ASP A 113 14.72 -3.08 -4.90
CA ASP A 113 15.60 -3.67 -5.90
C ASP A 113 16.76 -4.44 -5.27
N ASP A 114 17.24 -3.97 -4.14
CA ASP A 114 18.31 -4.62 -3.39
C ASP A 114 17.79 -5.47 -2.21
N TYR A 115 16.50 -5.81 -2.23
CA TYR A 115 15.90 -6.60 -1.15
C TYR A 115 14.69 -7.41 -1.62
N ILE A 116 14.99 -8.57 -2.21
CA ILE A 116 14.00 -9.45 -2.80
C ILE A 116 13.97 -10.72 -1.97
N MET A 117 12.83 -11.03 -1.38
CA MET A 117 12.73 -12.13 -0.42
C MET A 117 12.09 -13.34 -1.05
N ASP A 118 12.79 -14.47 -1.00
CA ASP A 118 12.20 -15.74 -1.40
C ASP A 118 11.67 -16.47 -0.16
N GLU A 119 11.11 -17.67 -0.36
CA GLU A 119 10.51 -18.42 0.73
C GLU A 119 11.45 -18.65 1.90
N ASP A 120 12.66 -19.12 1.61
CA ASP A 120 13.66 -19.38 2.65
C ASP A 120 13.91 -18.14 3.52
N GLN A 121 14.13 -16.99 2.90
CA GLN A 121 14.37 -15.75 3.65
C GLN A 121 13.19 -15.36 4.50
N SER A 122 11.98 -15.51 3.96
CA SER A 122 10.75 -15.27 4.73
C SER A 122 10.68 -16.16 5.97
N LYS A 123 11.02 -17.44 5.83
CA LYS A 123 11.08 -18.36 6.98
C LYS A 123 12.08 -17.86 8.01
N LEU A 124 13.29 -17.53 7.55
CA LEU A 124 14.34 -17.00 8.43
C LEU A 124 13.86 -15.77 9.23
N ALA A 125 13.16 -14.85 8.56
CA ALA A 125 12.66 -13.62 9.20
C ALA A 125 11.39 -13.81 10.05
N GLY A 126 10.83 -15.01 10.02
CA GLY A 126 9.56 -15.28 10.70
C GLY A 126 8.34 -14.71 9.98
N LEU A 127 8.48 -14.52 8.67
CA LEU A 127 7.47 -13.85 7.86
C LEU A 127 6.79 -14.75 6.84
N LEU A 128 7.02 -16.06 6.94
CA LEU A 128 6.49 -17.02 5.94
C LEU A 128 5.00 -16.82 5.68
N ASP A 129 4.20 -16.82 6.75
CA ASP A 129 2.74 -16.70 6.64
C ASP A 129 2.31 -15.36 6.09
N LEU A 130 3.00 -14.30 6.51
CA LEU A 130 2.67 -12.95 6.07
C LEU A 130 3.01 -12.78 4.60
N ASN A 131 4.21 -13.17 4.22
CA ASN A 131 4.66 -13.09 2.83
C ASN A 131 3.89 -14.01 1.87
N ASN A 132 3.39 -15.13 2.39
CA ASN A 132 2.50 -15.99 1.61
C ASN A 132 1.16 -15.30 1.30
N ALA A 133 0.63 -14.56 2.26
CA ALA A 133 -0.59 -13.77 2.05
C ALA A 133 -0.36 -12.65 1.01
N ILE A 134 0.78 -11.97 1.10
CA ILE A 134 1.15 -10.94 0.13
C ILE A 134 1.31 -11.56 -1.26
N LEU A 135 1.92 -12.75 -1.31
CA LEU A 135 2.06 -13.48 -2.57
C LEU A 135 0.72 -13.88 -3.20
N GLN A 136 -0.29 -14.11 -2.35
CA GLN A 136 -1.67 -14.38 -2.79
C GLN A 136 -2.26 -13.15 -3.48
N LEU A 137 -1.96 -11.96 -2.96
CA LEU A 137 -2.34 -10.71 -3.59
C LEU A 137 -1.66 -10.55 -4.94
N VAL A 138 -0.36 -10.89 -4.99
CA VAL A 138 0.42 -10.83 -6.23
C VAL A 138 -0.20 -11.77 -7.26
N LYS A 139 -0.50 -12.99 -6.83
CA LYS A 139 -1.06 -14.03 -7.71
C LYS A 139 -2.35 -13.53 -8.40
N LYS A 140 -3.23 -12.95 -7.60
CA LYS A 140 -4.50 -12.43 -8.11
C LYS A 140 -4.25 -11.29 -9.10
N TYR A 141 -3.37 -10.35 -8.75
CA TYR A 141 -3.09 -9.23 -9.66
C TYR A 141 -2.41 -9.61 -10.97
N LYS A 142 -1.53 -10.62 -10.90
CA LYS A 142 -0.89 -11.16 -12.10
C LYS A 142 -1.94 -11.67 -13.09
N SER A 143 -2.85 -12.51 -12.61
CA SER A 143 -3.88 -13.09 -13.47
C SER A 143 -4.81 -12.01 -14.06
N MET A 144 -5.01 -10.93 -13.31
CA MET A 144 -5.78 -9.76 -13.77
C MET A 144 -5.00 -8.79 -14.66
N LYS A 145 -3.69 -9.02 -14.77
CA LYS A 145 -2.77 -8.15 -15.51
C LYS A 145 -2.87 -6.70 -15.06
N LEU A 146 -2.77 -6.52 -13.74
CA LEU A 146 -2.81 -5.19 -13.13
C LEU A 146 -1.84 -4.23 -13.81
N GLU A 147 -2.35 -3.06 -14.18
CA GLU A 147 -1.51 -2.04 -14.84
C GLU A 147 -1.03 -1.01 -13.83
N LYS A 148 0.01 -0.25 -14.18
CA LYS A 148 0.49 0.80 -13.29
C LYS A 148 -0.62 1.83 -13.02
N GLU A 149 -1.35 2.18 -14.05
CA GLU A 149 -2.52 3.07 -13.96
C GLU A 149 -3.50 2.60 -12.87
N GLU A 150 -3.72 1.29 -12.83
CA GLU A 150 -4.66 0.69 -11.89
C GLU A 150 -4.10 0.65 -10.47
N PHE A 151 -2.83 0.25 -10.36
CA PHE A 151 -2.09 0.27 -9.11
C PHE A 151 -2.14 1.64 -8.42
N VAL A 152 -1.79 2.71 -9.14
CA VAL A 152 -1.73 4.03 -8.51
C VAL A 152 -3.12 4.52 -8.08
N THR A 153 -4.12 4.18 -8.87
CA THR A 153 -5.50 4.55 -8.56
C THR A 153 -5.99 3.74 -7.33
N LEU A 154 -5.61 2.47 -7.26
CA LEU A 154 -5.99 1.65 -6.09
C LEU A 154 -5.31 2.09 -4.78
N LYS A 155 -4.06 2.56 -4.86
CA LYS A 155 -3.38 3.08 -3.67
C LYS A 155 -4.16 4.27 -3.15
N ALA A 156 -4.56 5.16 -4.06
CA ALA A 156 -5.35 6.35 -3.69
C ALA A 156 -6.72 5.96 -3.10
N ILE A 157 -7.38 5.01 -3.74
CA ILE A 157 -8.66 4.54 -3.23
C ILE A 157 -8.52 3.91 -1.84
N ALA A 158 -7.47 3.12 -1.63
CA ALA A 158 -7.23 2.49 -0.33
C ALA A 158 -7.04 3.53 0.78
N LEU A 159 -6.36 4.62 0.46
CA LEU A 159 -6.23 5.77 1.37
C LEU A 159 -7.59 6.38 1.72
N ALA A 160 -8.36 6.73 0.70
CA ALA A 160 -9.67 7.38 0.90
C ALA A 160 -10.69 6.46 1.58
N ASN A 161 -10.56 5.16 1.35
CA ASN A 161 -11.54 4.15 1.82
C ASN A 161 -11.06 3.41 3.07
N SER A 162 -10.14 4.01 3.83
CA SER A 162 -9.41 3.25 4.85
C SER A 162 -10.20 2.97 6.15
N ASP A 163 -11.41 3.51 6.26
CA ASP A 163 -12.32 3.22 7.38
C ASP A 163 -11.84 3.63 8.79
N SER A 164 -11.11 4.74 8.87
CA SER A 164 -10.78 5.33 10.17
C SER A 164 -12.05 5.59 10.98
N MET A 165 -11.99 5.27 12.27
CA MET A 165 -13.07 5.56 13.22
C MET A 165 -13.12 7.03 13.64
N HIS A 166 -12.14 7.81 13.20
CA HIS A 166 -11.87 9.11 13.81
C HIS A 166 -12.09 10.31 12.90
N ILE A 167 -12.83 10.09 11.81
CA ILE A 167 -13.04 11.12 10.79
C ILE A 167 -13.97 12.23 11.28
N GLU A 168 -13.55 13.47 11.04
CA GLU A 168 -14.31 14.67 11.37
C GLU A 168 -15.33 14.98 10.28
N ASP A 169 -14.84 15.13 9.05
CA ASP A 169 -15.71 15.46 7.94
C ASP A 169 -15.98 14.23 7.08
N VAL A 170 -16.94 13.41 7.53
CA VAL A 170 -17.32 12.17 6.87
C VAL A 170 -17.71 12.39 5.41
N GLU A 171 -18.53 13.41 5.17
CA GLU A 171 -19.02 13.72 3.83
C GLU A 171 -17.91 14.11 2.83
N ALA A 172 -16.90 14.84 3.31
CA ALA A 172 -15.76 15.22 2.47
C ALA A 172 -14.89 14.01 2.11
N VAL A 173 -14.71 13.11 3.08
CA VAL A 173 -14.00 11.86 2.85
C VAL A 173 -14.77 10.99 1.83
N GLN A 174 -16.11 10.93 1.94
CA GLN A 174 -16.94 10.20 0.99
CA GLN A 174 -16.92 10.18 0.97
C GLN A 174 -16.83 10.81 -0.42
N LYS A 175 -16.73 12.14 -0.48
CA LYS A 175 -16.51 12.85 -1.75
C LYS A 175 -15.18 12.44 -2.40
N LEU A 176 -14.11 12.42 -1.60
CA LEU A 176 -12.80 11.95 -2.07
C LEU A 176 -12.86 10.51 -2.59
N GLN A 177 -13.53 9.62 -1.85
CA GLN A 177 -13.78 8.24 -2.31
C GLN A 177 -14.43 8.23 -3.69
N ASP A 178 -15.45 9.08 -3.85
CA ASP A 178 -16.24 9.12 -5.07
C ASP A 178 -15.43 9.63 -6.25
N VAL A 179 -14.64 10.68 -6.02
CA VAL A 179 -13.75 11.25 -7.04
C VAL A 179 -12.80 10.19 -7.59
N LEU A 180 -12.20 9.41 -6.69
CA LEU A 180 -11.21 8.40 -7.08
C LEU A 180 -11.87 7.15 -7.66
N HIS A 181 -13.00 6.73 -7.07
CA HIS A 181 -13.81 5.69 -7.70
C HIS A 181 -14.21 6.07 -9.13
N GLU A 182 -14.67 7.31 -9.34
CA GLU A 182 -15.01 7.78 -10.69
C GLU A 182 -13.85 7.67 -11.68
N ALA A 183 -12.66 8.00 -11.21
CA ALA A 183 -11.44 7.91 -12.02
C ALA A 183 -11.18 6.45 -12.45
N LEU A 184 -11.30 5.52 -11.51
CA LEU A 184 -11.18 4.09 -11.82
C LEU A 184 -12.22 3.64 -12.86
N GLN A 185 -13.48 4.04 -12.65
CA GLN A 185 -14.58 3.67 -13.54
CA GLN A 185 -14.55 3.64 -13.56
CA GLN A 185 -14.57 3.65 -13.55
C GLN A 185 -14.33 4.21 -14.96
N ASP A 186 -13.98 5.49 -15.03
CA ASP A 186 -13.71 6.18 -16.30
CA ASP A 186 -13.70 6.18 -16.30
C ASP A 186 -12.54 5.55 -17.04
N TYR A 187 -11.44 5.31 -16.32
CA TYR A 187 -10.28 4.65 -16.91
C TYR A 187 -10.66 3.29 -17.48
N GLU A 188 -11.36 2.48 -16.69
CA GLU A 188 -11.75 1.15 -17.14
C GLU A 188 -12.73 1.15 -18.32
N ALA A 189 -13.66 2.10 -18.33
CA ALA A 189 -14.62 2.21 -19.42
C ALA A 189 -13.92 2.54 -20.74
N GLY A 190 -12.84 3.33 -20.66
CA GLY A 190 -12.09 3.73 -21.86
C GLY A 190 -11.03 2.75 -22.32
N GLN A 191 -10.37 2.10 -21.37
CA GLN A 191 -9.19 1.27 -21.65
CA GLN A 191 -9.22 1.28 -21.70
C GLN A 191 -9.52 -0.22 -21.73
N HIS A 192 -10.63 -0.63 -21.14
CA HIS A 192 -10.95 -2.05 -21.04
C HIS A 192 -12.40 -2.36 -21.41
N MET A 193 -12.77 -1.95 -22.62
CA MET A 193 -14.12 -2.15 -23.13
C MET A 193 -14.50 -3.63 -23.24
N GLU A 194 -13.51 -4.52 -23.30
CA GLU A 194 -13.76 -5.97 -23.38
C GLU A 194 -14.32 -6.55 -22.08
N ASP A 195 -14.10 -5.84 -20.97
CA ASP A 195 -14.60 -6.28 -19.68
C ASP A 195 -15.28 -5.10 -18.99
N PRO A 196 -16.60 -4.94 -19.18
CA PRO A 196 -17.28 -3.81 -18.56
C PRO A 196 -17.41 -3.94 -17.03
N ARG A 197 -16.96 -5.07 -16.47
CA ARG A 197 -16.94 -5.23 -15.01
C ARG A 197 -15.55 -5.21 -14.35
N ARG A 198 -14.54 -4.74 -15.09
CA ARG A 198 -13.14 -4.71 -14.59
C ARG A 198 -12.93 -3.76 -13.41
N ALA A 199 -13.61 -2.62 -13.41
CA ALA A 199 -13.48 -1.70 -12.28
C ALA A 199 -13.92 -2.36 -10.97
N GLY A 200 -15.08 -3.02 -11.01
CA GLY A 200 -15.62 -3.74 -9.86
C GLY A 200 -14.70 -4.86 -9.42
N LYS A 201 -14.12 -5.59 -10.40
CA LYS A 201 -13.11 -6.60 -10.11
C LYS A 201 -11.92 -5.99 -9.35
N MET A 202 -11.45 -4.84 -9.79
CA MET A 202 -10.38 -4.13 -9.07
C MET A 202 -10.78 -3.82 -7.62
N LEU A 203 -12.01 -3.32 -7.43
CA LEU A 203 -12.49 -2.99 -6.09
C LEU A 203 -12.60 -4.26 -5.24
N MET A 204 -12.98 -5.37 -5.87
CA MET A 204 -13.11 -6.64 -5.13
C MET A 204 -11.78 -7.27 -4.71
N THR A 205 -10.66 -6.63 -5.04
CA THR A 205 -9.31 -7.06 -4.56
C THR A 205 -8.92 -6.36 -3.25
N LEU A 206 -9.67 -5.32 -2.90
CA LEU A 206 -9.41 -4.53 -1.68
C LEU A 206 -9.63 -5.27 -0.35
N PRO A 207 -10.67 -6.14 -0.26
CA PRO A 207 -10.74 -6.93 0.98
C PRO A 207 -9.48 -7.73 1.33
N LEU A 208 -8.84 -8.39 0.36
CA LEU A 208 -7.63 -9.17 0.70
C LEU A 208 -6.47 -8.25 1.05
N LEU A 209 -6.41 -7.10 0.40
CA LEU A 209 -5.44 -6.08 0.82
C LEU A 209 -5.69 -5.65 2.29
N ARG A 210 -6.93 -5.35 2.65
CA ARG A 210 -7.29 -5.00 4.04
C ARG A 210 -6.91 -6.11 5.02
N GLN A 211 -7.27 -7.35 4.68
CA GLN A 211 -6.98 -8.53 5.49
CA GLN A 211 -6.98 -8.54 5.48
C GLN A 211 -5.48 -8.74 5.75
N THR A 212 -4.68 -8.66 4.69
CA THR A 212 -3.23 -8.83 4.77
C THR A 212 -2.57 -7.71 5.57
N SER A 213 -3.10 -6.49 5.43
CA SER A 213 -2.60 -5.32 6.15
CA SER A 213 -2.57 -5.34 6.15
C SER A 213 -2.87 -5.42 7.65
N THR A 214 -4.08 -5.85 8.00
CA THR A 214 -4.45 -6.05 9.39
C THR A 214 -3.49 -7.04 10.03
N LYS A 215 -3.16 -8.12 9.31
CA LYS A 215 -2.24 -9.15 9.81
CA LYS A 215 -2.23 -9.16 9.78
C LYS A 215 -0.81 -8.63 9.94
N ALA A 216 -0.36 -7.82 8.97
CA ALA A 216 0.97 -7.22 9.01
C ALA A 216 1.13 -6.25 10.18
N VAL A 217 0.12 -5.43 10.42
CA VAL A 217 0.13 -4.49 11.54
C VAL A 217 0.23 -5.18 12.90
N GLN A 218 -0.63 -6.16 13.17
CA GLN A 218 -0.57 -6.90 14.44
CA GLN A 218 -0.55 -6.88 14.45
C GLN A 218 0.79 -7.61 14.60
N HIS A 219 1.25 -8.24 13.53
CA HIS A 219 2.56 -8.92 13.53
C HIS A 219 3.69 -7.99 13.96
N PHE A 220 3.75 -6.81 13.33
CA PHE A 220 4.81 -5.87 13.63
C PHE A 220 4.60 -5.13 14.94
N TYR A 221 3.35 -5.05 15.39
CA TYR A 221 3.07 -4.56 16.75
C TYR A 221 3.63 -5.53 17.79
N ASN A 222 3.47 -6.83 17.53
CA ASN A 222 4.04 -7.88 18.37
C ASN A 222 5.56 -7.81 18.44
N ILE A 223 6.18 -7.53 17.29
CA ILE A 223 7.63 -7.36 17.21
C ILE A 223 8.05 -6.13 18.02
N LYS A 224 7.29 -5.05 17.88
CA LYS A 224 7.51 -3.81 18.64
C LYS A 224 7.47 -4.05 20.16
N LEU A 225 6.51 -4.87 20.60
CA LEU A 225 6.36 -5.17 22.03
C LEU A 225 7.49 -6.05 22.55
N GLU A 226 8.06 -6.89 21.69
CA GLU A 226 9.17 -7.78 22.07
C GLU A 226 10.49 -7.04 22.29
N GLY A 227 10.61 -5.84 21.73
CA GLY A 227 11.73 -4.93 22.01
C GLY A 227 13.08 -5.26 21.39
N LYS A 228 13.13 -6.30 20.56
CA LYS A 228 14.39 -6.78 19.98
C LYS A 228 14.75 -6.14 18.64
N VAL A 229 13.78 -5.50 17.99
CA VAL A 229 13.98 -4.86 16.69
C VAL A 229 13.77 -3.36 16.86
N PRO A 230 14.83 -2.55 16.68
CA PRO A 230 14.71 -1.08 16.76
C PRO A 230 13.86 -0.51 15.63
N MET A 231 12.97 0.42 15.97
CA MET A 231 12.09 1.07 15.00
C MET A 231 12.17 2.58 15.15
N HIS A 232 12.05 3.27 14.03
CA HIS A 232 12.11 4.73 14.00
C HIS A 232 10.78 5.40 14.33
N LYS A 233 10.85 6.72 14.50
CA LYS A 233 9.78 7.58 15.01
C LYS A 233 8.45 7.46 14.24
N LEU A 234 8.50 7.66 12.93
CA LEU A 234 7.31 7.67 12.09
C LEU A 234 6.65 6.29 11.98
N PHE A 235 7.47 5.25 11.81
CA PHE A 235 6.98 3.87 11.76
C PHE A 235 6.24 3.52 13.06
N LEU A 236 6.86 3.83 14.19
CA LEU A 236 6.26 3.63 15.52
C LEU A 236 4.95 4.40 15.70
N GLU A 237 4.94 5.66 15.27
CA GLU A 237 3.75 6.51 15.28
C GLU A 237 2.58 5.84 14.55
N MET A 238 2.84 5.35 13.34
CA MET A 238 1.85 4.65 12.53
C MET A 238 1.42 3.35 13.19
N LEU A 239 2.38 2.59 13.71
CA LEU A 239 2.11 1.34 14.41
C LEU A 239 1.28 1.53 15.68
N GLU A 240 1.52 2.63 16.39
CA GLU A 240 0.90 2.89 17.68
C GLU A 240 -0.47 3.57 17.57
N ALA A 241 -0.92 3.83 16.34
CA ALA A 241 -2.26 4.38 16.09
C ALA A 241 -3.37 3.40 16.52
N LYS A 242 -4.49 3.97 16.98
CA LYS A 242 -5.61 3.18 17.50
C LYS A 242 -6.44 2.51 16.39
N VAL A 243 -6.32 1.19 16.30
CA VAL A 243 -6.89 0.37 15.21
C VAL A 243 -7.04 1.13 13.89
#